data_1REP
#
_entry.id   1REP
#
_cell.length_a   108.435
_cell.length_b   81.853
_cell.length_c   73.891
_cell.angle_alpha   90.00
_cell.angle_beta   121.53
_cell.angle_gamma   90.00
#
_symmetry.space_group_name_H-M   'C 1 2 1'
#
loop_
_entity.id
_entity.type
_entity.pdbx_description
1 polymer "DNA (5'-D(*CP*CP*TP*GP*TP*GP*AP*CP*AP*AP*AP*TP*TP*GP*CP*CP*CP*TP*CP*AP*GP*T)-3')"
2 polymer "DNA (5'-D(*CP*TP*GP*AP*GP*GP*GP*CP*AP*AP*TP*TP*TP*GP*TP*CP*AP*CP*AP*GP*GP*T)-3')"
3 polymer 'PROTEIN (REPLICATION INITIATION PROTEIN)'
4 non-polymer 'MAGNESIUM ION'
5 water water
#
loop_
_entity_poly.entity_id
_entity_poly.type
_entity_poly.pdbx_seq_one_letter_code
_entity_poly.pdbx_strand_id
1 'polydeoxyribonucleotide'
;(DC)(DC)(DT)(DG)(DT)(DG)(DA)(DC)(DA)(DA)(DA)(DT)(DT)(DG)(DC)(DC)(DC)(DT)(DC)(DA)
(DG)(DT)
;
A
2 'polydeoxyribonucleotide'
;(DC)(DT)(DG)(DA)(DG)(DG)(DG)(DC)(DA)(DA)(DT)(DT)(DT)(DG)(DT)(DC)(DA)(DC)(DA)(DG)
(DG)(DT)
;
B
3 'polypeptide(L)'
;MAETAVINHKKRKNSPRIVQSNDLTEAAYSLSRDQKRMLYLFVDQIRKSDGTLQEHDGICEIHVAKYAEIFGLTSAEASK
DIRQALKSFAGKEVVFYRPEEDAGDEKGYESFPWFIKPAHSPSRGLYSVHINPYLIPFFIGLQNRFTQFRLSETKEITNP
YAMRLYESLCQYRKPDGSGIVSLKIDWIIERYQLPQSYQRMPDFRRRFLQVCVNEINSRTPMRLSYIEKKKGRQTTHIVF
SFRDITSMTTG
;
C
#
# COMPACT_ATOMS: atom_id res chain seq x y z
N SER C 15 -0.35 -0.65 16.41
CA SER C 15 -1.60 -0.06 15.84
C SER C 15 -2.51 -1.20 15.42
N PRO C 16 -3.67 -0.88 14.79
CA PRO C 16 -4.55 -1.98 14.37
C PRO C 16 -3.77 -2.87 13.42
N ARG C 17 -4.17 -4.12 13.29
CA ARG C 17 -3.48 -5.06 12.41
C ARG C 17 -4.25 -5.29 11.11
N ILE C 18 -3.69 -4.83 9.99
CA ILE C 18 -4.33 -4.97 8.68
C ILE C 18 -4.16 -6.36 8.07
N VAL C 19 -5.20 -6.80 7.39
CA VAL C 19 -5.21 -8.11 6.75
C VAL C 19 -5.93 -8.02 5.41
N GLN C 20 -5.17 -7.75 4.35
CA GLN C 20 -5.73 -7.64 3.02
C GLN C 20 -5.35 -8.85 2.22
N SER C 21 -6.13 -9.15 1.19
CA SER C 21 -5.85 -10.30 0.33
C SER C 21 -4.63 -9.99 -0.53
N ASN C 22 -3.92 -11.03 -0.93
CA ASN C 22 -2.75 -10.85 -1.77
C ASN C 22 -3.18 -10.25 -3.08
N ASP C 23 -4.41 -10.55 -3.49
CA ASP C 23 -4.96 -10.03 -4.74
C ASP C 23 -4.77 -8.52 -4.81
N LEU C 24 -5.22 -7.85 -3.75
CA LEU C 24 -5.06 -6.41 -3.68
C LEU C 24 -3.56 -6.15 -3.58
N THR C 25 -2.93 -6.83 -2.63
CA THR C 25 -1.50 -6.69 -2.39
C THR C 25 -0.70 -6.76 -3.69
N GLU C 26 -1.22 -7.50 -4.67
CA GLU C 26 -0.56 -7.63 -5.95
C GLU C 26 -1.27 -6.85 -7.05
N ALA C 27 -2.38 -6.22 -6.69
CA ALA C 27 -3.18 -5.44 -7.63
C ALA C 27 -2.38 -4.30 -8.21
N ALA C 28 -2.66 -3.96 -9.47
CA ALA C 28 -1.97 -2.85 -10.15
C ALA C 28 -2.77 -1.57 -9.96
N TYR C 29 -2.14 -0.59 -9.34
CA TYR C 29 -2.82 0.69 -9.10
C TYR C 29 -1.82 1.77 -8.72
N SER C 30 -2.28 3.01 -8.70
CA SER C 30 -1.42 4.13 -8.40
C SER C 30 -2.06 5.07 -7.39
N LEU C 31 -1.65 4.96 -6.12
CA LEU C 31 -2.21 5.81 -5.07
C LEU C 31 -1.11 6.56 -4.35
N SER C 32 -1.50 7.52 -3.54
CA SER C 32 -0.55 8.33 -2.80
C SER C 32 -0.35 7.80 -1.39
N ARG C 33 0.50 8.47 -0.62
CA ARG C 33 0.70 8.03 0.74
C ARG C 33 -0.65 8.17 1.41
N ASP C 34 -1.09 9.43 1.53
CA ASP C 34 -2.37 9.75 2.15
C ASP C 34 -3.53 8.89 1.60
N GLN C 35 -3.46 8.53 0.33
CA GLN C 35 -4.53 7.73 -0.24
C GLN C 35 -4.39 6.32 0.27
N LYS C 36 -3.17 5.88 0.48
CA LYS C 36 -2.92 4.53 0.95
C LYS C 36 -3.22 4.42 2.44
N ARG C 37 -2.84 5.45 3.19
CA ARG C 37 -3.11 5.46 4.62
C ARG C 37 -4.61 5.35 4.79
N MET C 38 -5.33 6.01 3.91
CA MET C 38 -6.79 6.02 3.92
C MET C 38 -7.37 4.66 3.63
N LEU C 39 -6.77 3.94 2.67
CA LEU C 39 -7.25 2.61 2.31
C LEU C 39 -7.01 1.62 3.45
N TYR C 40 -5.90 1.77 4.16
CA TYR C 40 -5.62 0.88 5.28
C TYR C 40 -6.84 0.90 6.19
N LEU C 41 -7.18 2.10 6.66
CA LEU C 41 -8.33 2.30 7.54
C LEU C 41 -9.62 1.79 6.92
N PHE C 42 -9.75 1.89 5.60
CA PHE C 42 -10.96 1.43 4.95
C PHE C 42 -11.07 -0.08 5.08
N VAL C 43 -9.97 -0.78 4.86
CA VAL C 43 -10.02 -2.23 4.97
C VAL C 43 -10.30 -2.57 6.41
N ASP C 44 -9.46 -2.07 7.31
CA ASP C 44 -9.61 -2.33 8.73
C ASP C 44 -11.07 -2.24 9.13
N GLN C 45 -11.57 -1.01 9.17
CA GLN C 45 -12.95 -0.78 9.53
C GLN C 45 -13.95 -1.65 8.79
N ILE C 46 -13.65 -2.03 7.56
CA ILE C 46 -14.56 -2.88 6.79
C ILE C 46 -14.60 -4.27 7.40
N ARG C 47 -13.40 -4.84 7.60
CA ARG C 47 -13.28 -6.18 8.18
C ARG C 47 -14.09 -6.28 9.45
N LYS C 48 -13.74 -5.43 10.42
CA LYS C 48 -14.45 -5.39 11.68
C LYS C 48 -15.72 -4.61 11.42
N SER C 49 -16.53 -5.11 10.49
CA SER C 49 -17.79 -4.49 10.10
C SER C 49 -18.60 -5.49 9.27
N HIS C 56 -21.20 -6.56 3.03
CA HIS C 56 -20.92 -5.11 3.29
C HIS C 56 -21.36 -4.26 2.10
N ASP C 57 -21.61 -2.98 2.35
CA ASP C 57 -22.04 -2.06 1.30
C ASP C 57 -20.86 -1.26 0.76
N GLY C 58 -19.81 -1.14 1.57
CA GLY C 58 -18.64 -0.40 1.16
C GLY C 58 -18.67 1.02 1.66
N ILE C 59 -19.87 1.46 2.08
CA ILE C 59 -20.04 2.80 2.58
C ILE C 59 -19.26 3.06 3.87
N CYS C 60 -17.96 3.30 3.76
CA CYS C 60 -17.11 3.55 4.94
C CYS C 60 -17.17 5.00 5.39
N GLU C 61 -16.46 5.33 6.46
CA GLU C 61 -16.43 6.69 6.99
C GLU C 61 -15.10 6.96 7.67
N ILE C 62 -14.65 8.22 7.65
CA ILE C 62 -13.38 8.60 8.24
C ILE C 62 -13.55 9.86 9.10
N HIS C 63 -12.81 9.92 10.21
CA HIS C 63 -12.88 11.05 11.11
C HIS C 63 -11.54 11.76 11.11
N VAL C 64 -11.56 13.08 11.16
CA VAL C 64 -10.32 13.83 11.12
C VAL C 64 -9.48 13.78 12.38
N ALA C 65 -10.13 13.74 13.55
CA ALA C 65 -9.38 13.70 14.80
C ALA C 65 -8.66 12.37 14.97
N LYS C 66 -9.36 11.28 14.65
CA LYS C 66 -8.79 9.94 14.73
C LYS C 66 -7.62 9.88 13.74
N TYR C 67 -7.92 10.16 12.47
CA TYR C 67 -6.91 10.15 11.44
C TYR C 67 -5.74 10.99 11.91
N ALA C 68 -6.03 12.20 12.38
CA ALA C 68 -4.99 13.10 12.85
C ALA C 68 -4.20 12.46 13.99
N GLU C 69 -4.87 11.61 14.76
CA GLU C 69 -4.23 10.95 15.88
C GLU C 69 -3.35 9.78 15.42
N ILE C 70 -3.96 8.77 14.80
CA ILE C 70 -3.21 7.63 14.32
C ILE C 70 -1.91 8.01 13.61
N PHE C 71 -2.00 8.87 12.61
CA PHE C 71 -0.83 9.27 11.85
C PHE C 71 -0.05 10.47 12.38
N GLY C 72 -0.39 10.92 13.57
CA GLY C 72 0.32 12.03 14.20
C GLY C 72 0.32 13.39 13.55
N LEU C 73 -0.81 13.78 12.95
CA LEU C 73 -0.87 15.10 12.33
C LEU C 73 -1.75 16.07 13.12
N THR C 74 -1.61 17.36 12.83
CA THR C 74 -2.44 18.34 13.49
C THR C 74 -3.81 18.13 12.88
N SER C 75 -4.86 18.46 13.61
CA SER C 75 -6.22 18.30 13.11
C SER C 75 -6.35 18.94 11.72
N ALA C 76 -5.68 20.09 11.56
CA ALA C 76 -5.69 20.87 10.34
C ALA C 76 -5.05 20.14 9.15
N GLU C 77 -3.78 19.79 9.31
CA GLU C 77 -3.06 19.10 8.26
C GLU C 77 -3.70 17.77 7.91
N ALA C 78 -4.33 17.11 8.88
CA ALA C 78 -4.99 15.83 8.60
C ALA C 78 -6.18 16.06 7.69
N SER C 79 -6.77 17.26 7.81
CA SER C 79 -7.92 17.67 7.01
C SER C 79 -7.51 17.86 5.54
N LYS C 80 -6.33 18.45 5.35
CA LYS C 80 -5.77 18.68 4.02
C LYS C 80 -5.60 17.34 3.33
N ASP C 81 -4.92 16.43 3.99
CA ASP C 81 -4.65 15.10 3.47
C ASP C 81 -5.93 14.35 3.08
N ILE C 82 -6.88 14.23 4.00
CA ILE C 82 -8.13 13.53 3.70
C ILE C 82 -8.92 14.19 2.56
N ARG C 83 -9.01 15.52 2.61
CA ARG C 83 -9.75 16.24 1.60
C ARG C 83 -9.16 16.16 0.19
N GLN C 84 -7.86 16.36 0.06
CA GLN C 84 -7.20 16.28 -1.24
C GLN C 84 -7.15 14.83 -1.72
N ALA C 85 -6.84 13.90 -0.81
CA ALA C 85 -6.77 12.50 -1.17
C ALA C 85 -8.12 11.96 -1.62
N LEU C 86 -9.20 12.57 -1.15
CA LEU C 86 -10.50 12.08 -1.54
C LEU C 86 -10.86 12.48 -2.97
N LYS C 87 -10.39 13.64 -3.42
CA LYS C 87 -10.67 14.10 -4.79
C LYS C 87 -9.81 13.31 -5.77
N SER C 88 -8.55 13.11 -5.40
CA SER C 88 -7.61 12.37 -6.24
C SER C 88 -7.97 10.91 -6.41
N PHE C 89 -9.15 10.52 -5.94
CA PHE C 89 -9.58 9.14 -6.05
C PHE C 89 -10.49 9.04 -7.23
N ALA C 90 -10.87 10.20 -7.76
CA ALA C 90 -11.77 10.24 -8.92
C ALA C 90 -11.07 9.79 -10.17
N GLY C 91 -11.67 8.85 -10.87
CA GLY C 91 -11.09 8.36 -12.11
C GLY C 91 -10.03 7.29 -11.95
N LYS C 92 -9.65 6.97 -10.71
CA LYS C 92 -8.65 5.94 -10.48
C LYS C 92 -9.28 4.54 -10.45
N GLU C 93 -8.58 3.58 -11.03
CA GLU C 93 -9.07 2.21 -11.10
C GLU C 93 -8.12 1.21 -10.47
N VAL C 94 -8.62 -0.01 -10.25
CA VAL C 94 -7.85 -1.10 -9.66
C VAL C 94 -7.90 -2.25 -10.64
N VAL C 95 -6.73 -2.78 -10.99
CA VAL C 95 -6.68 -3.91 -11.90
C VAL C 95 -6.22 -5.15 -11.14
N PHE C 96 -7.16 -6.07 -10.91
CA PHE C 96 -6.87 -7.31 -10.20
C PHE C 96 -6.59 -8.39 -11.21
N TYR C 97 -5.31 -8.78 -11.32
CA TYR C 97 -4.92 -9.82 -12.27
C TYR C 97 -5.33 -11.21 -11.83
N GLU C 110 -9.68 -7.64 -15.23
CA GLU C 110 -10.74 -7.04 -14.37
C GLU C 110 -10.32 -5.74 -13.66
N SER C 111 -10.69 -4.61 -14.22
CA SER C 111 -10.37 -3.32 -13.63
C SER C 111 -11.62 -2.81 -12.89
N PHE C 112 -11.42 -2.07 -11.80
CA PHE C 112 -12.53 -1.57 -11.00
C PHE C 112 -12.35 -0.13 -10.50
N PRO C 113 -13.44 0.65 -10.47
CA PRO C 113 -13.27 2.01 -9.98
C PRO C 113 -13.22 1.93 -8.46
N TRP C 114 -12.29 2.64 -7.83
CA TRP C 114 -12.18 2.61 -6.37
C TRP C 114 -13.48 3.04 -5.73
N PHE C 115 -13.96 4.23 -6.10
CA PHE C 115 -15.20 4.79 -5.57
C PHE C 115 -16.30 4.80 -6.62
N ILE C 116 -17.55 4.76 -6.18
CA ILE C 116 -18.64 4.81 -7.13
C ILE C 116 -19.45 6.09 -6.97
N LYS C 117 -19.14 6.83 -5.90
CA LYS C 117 -19.82 8.08 -5.59
C LYS C 117 -18.87 9.04 -4.90
N PRO C 118 -19.01 10.35 -5.19
CA PRO C 118 -18.13 11.34 -4.55
C PRO C 118 -18.14 11.28 -3.02
N ALA C 119 -16.98 11.44 -2.41
CA ALA C 119 -16.90 11.43 -0.96
C ALA C 119 -17.68 12.63 -0.48
N HIS C 120 -18.13 12.63 0.77
CA HIS C 120 -18.88 13.76 1.30
C HIS C 120 -18.83 13.83 2.82
N SER C 121 -18.83 15.04 3.34
CA SER C 121 -18.78 15.26 4.78
C SER C 121 -20.15 15.54 5.35
N PRO C 122 -20.71 14.59 6.11
CA PRO C 122 -22.03 14.82 6.69
C PRO C 122 -21.89 15.69 7.94
N SER C 123 -20.76 15.54 8.62
CA SER C 123 -20.49 16.32 9.83
C SER C 123 -19.07 16.87 9.78
N ARG C 124 -18.88 18.04 10.38
CA ARG C 124 -17.58 18.70 10.42
C ARG C 124 -16.53 17.80 11.06
N GLY C 125 -15.60 17.32 10.26
CA GLY C 125 -14.57 16.45 10.77
C GLY C 125 -14.79 15.00 10.37
N LEU C 126 -15.94 14.71 9.76
CA LEU C 126 -16.25 13.35 9.36
C LEU C 126 -16.63 13.23 7.88
N TYR C 127 -16.00 12.27 7.19
CA TYR C 127 -16.25 12.02 5.77
C TYR C 127 -16.79 10.61 5.58
N SER C 128 -17.80 10.49 4.73
CA SER C 128 -18.41 9.21 4.41
C SER C 128 -18.02 8.86 2.98
N VAL C 129 -17.59 7.61 2.76
CA VAL C 129 -17.17 7.19 1.43
C VAL C 129 -17.77 5.85 0.96
N HIS C 130 -18.13 5.78 -0.32
CA HIS C 130 -18.74 4.58 -0.87
C HIS C 130 -17.82 3.71 -1.72
N ILE C 131 -16.98 2.92 -1.07
CA ILE C 131 -16.07 2.01 -1.76
C ILE C 131 -16.88 1.09 -2.67
N ASN C 132 -16.50 1.00 -3.94
CA ASN C 132 -17.20 0.15 -4.89
C ASN C 132 -17.56 -1.18 -4.23
N PRO C 133 -18.86 -1.43 -4.03
CA PRO C 133 -19.31 -2.67 -3.40
C PRO C 133 -18.61 -3.91 -3.95
N TYR C 134 -18.42 -3.94 -5.26
CA TYR C 134 -17.79 -5.06 -5.95
C TYR C 134 -16.36 -5.34 -5.51
N LEU C 135 -15.80 -4.47 -4.70
CA LEU C 135 -14.41 -4.61 -4.24
C LEU C 135 -14.19 -5.26 -2.86
N ILE C 136 -15.25 -5.43 -2.08
CA ILE C 136 -15.12 -6.04 -0.76
C ILE C 136 -14.45 -7.41 -0.85
N PRO C 137 -14.99 -8.31 -1.68
CA PRO C 137 -14.42 -9.66 -1.83
C PRO C 137 -12.88 -9.68 -1.85
N PHE C 138 -12.30 -8.85 -2.72
CA PHE C 138 -10.85 -8.76 -2.85
C PHE C 138 -10.20 -8.24 -1.58
N PHE C 139 -10.81 -7.22 -0.98
CA PHE C 139 -10.27 -6.65 0.25
C PHE C 139 -10.39 -7.65 1.39
N ILE C 140 -11.01 -8.79 1.13
CA ILE C 140 -11.19 -9.81 2.16
C ILE C 140 -10.66 -11.17 1.72
N GLY C 141 -9.70 -11.67 2.50
CA GLY C 141 -9.08 -12.95 2.24
C GLY C 141 -9.85 -13.84 1.27
N LEU C 142 -11.02 -14.28 1.69
CA LEU C 142 -11.86 -15.15 0.88
C LEU C 142 -11.19 -16.52 0.75
N GLN C 143 -9.93 -16.58 1.15
CA GLN C 143 -9.16 -17.82 1.10
C GLN C 143 -8.01 -17.74 2.08
N ASN C 144 -7.22 -18.82 2.13
CA ASN C 144 -6.07 -18.93 3.02
C ASN C 144 -4.99 -17.91 2.67
N ARG C 145 -4.85 -17.60 1.39
CA ARG C 145 -3.84 -16.64 0.93
C ARG C 145 -4.20 -15.21 1.31
N PHE C 146 -3.27 -14.51 1.94
CA PHE C 146 -3.49 -13.13 2.35
C PHE C 146 -2.25 -12.51 2.97
N THR C 147 -2.29 -11.18 3.13
CA THR C 147 -1.18 -10.43 3.72
C THR C 147 -1.64 -9.64 4.93
N GLN C 148 -0.78 -9.58 5.96
CA GLN C 148 -1.11 -8.84 7.18
C GLN C 148 0.10 -8.12 7.76
N PHE C 149 -0.16 -7.04 8.49
CA PHE C 149 0.89 -6.25 9.11
C PHE C 149 0.18 -5.23 9.99
N ARG C 150 0.94 -4.50 10.79
CA ARG C 150 0.38 -3.49 11.68
C ARG C 150 0.67 -2.09 11.15
N LEU C 151 -0.22 -1.16 11.43
CA LEU C 151 -0.09 0.22 10.97
C LEU C 151 1.19 0.88 11.42
N SER C 152 1.78 0.37 12.48
CA SER C 152 3.01 0.96 12.98
C SER C 152 4.17 0.62 12.07
N GLU C 153 4.06 -0.48 11.34
CA GLU C 153 5.14 -0.87 10.43
C GLU C 153 5.21 0.05 9.21
N THR C 154 4.04 0.48 8.76
CA THR C 154 3.93 1.31 7.56
C THR C 154 3.49 2.76 7.77
N LYS C 155 3.34 3.21 9.01
CA LYS C 155 2.87 4.58 9.21
C LYS C 155 3.94 5.66 9.10
N GLU C 156 5.21 5.25 9.18
CA GLU C 156 6.32 6.20 9.09
C GLU C 156 6.90 6.32 7.67
N ILE C 157 6.43 5.47 6.76
CA ILE C 157 6.90 5.48 5.38
C ILE C 157 6.26 6.64 4.62
N THR C 158 7.03 7.29 3.74
CA THR C 158 6.51 8.41 2.95
C THR C 158 6.30 8.09 1.47
N ASN C 159 7.26 7.43 0.84
CA ASN C 159 7.14 7.08 -0.57
C ASN C 159 6.18 5.93 -0.76
N PRO C 160 5.09 6.16 -1.52
CA PRO C 160 4.08 5.13 -1.79
C PRO C 160 4.57 3.86 -2.46
N TYR C 161 5.72 3.91 -3.12
CA TYR C 161 6.23 2.71 -3.76
C TYR C 161 6.86 1.85 -2.68
N ALA C 162 7.46 2.51 -1.68
CA ALA C 162 8.09 1.84 -0.55
C ALA C 162 7.02 1.16 0.28
N MET C 163 5.84 1.76 0.34
CA MET C 163 4.71 1.20 1.09
C MET C 163 4.27 -0.05 0.34
N ARG C 164 4.47 -0.02 -0.96
CA ARG C 164 4.10 -1.14 -1.80
C ARG C 164 5.07 -2.29 -1.64
N LEU C 165 6.37 -1.98 -1.65
CA LEU C 165 7.39 -3.01 -1.48
C LEU C 165 7.12 -3.75 -0.16
N TYR C 166 7.14 -2.99 0.93
CA TYR C 166 6.93 -3.52 2.26
C TYR C 166 5.76 -4.47 2.35
N GLU C 167 4.63 -4.07 1.81
CA GLU C 167 3.45 -4.93 1.86
C GLU C 167 3.72 -6.22 1.13
N SER C 168 4.39 -6.14 -0.01
CA SER C 168 4.71 -7.32 -0.80
C SER C 168 5.64 -8.22 -0.01
N LEU C 169 6.68 -7.62 0.57
CA LEU C 169 7.63 -8.39 1.37
C LEU C 169 6.86 -9.09 2.50
N CYS C 170 5.89 -8.40 3.11
CA CYS C 170 5.09 -8.97 4.20
C CYS C 170 4.25 -10.15 3.72
N GLN C 171 4.08 -10.26 2.42
CA GLN C 171 3.29 -11.34 1.85
C GLN C 171 4.11 -12.61 1.90
N TYR C 172 5.40 -12.44 2.15
CA TYR C 172 6.34 -13.56 2.21
C TYR C 172 7.00 -13.71 3.58
N ARG C 173 6.50 -12.97 4.55
CA ARG C 173 7.03 -13.03 5.90
C ARG C 173 6.61 -14.36 6.50
N LYS C 174 7.52 -14.96 7.24
CA LYS C 174 7.23 -16.23 7.92
C LYS C 174 6.99 -15.87 9.37
N PRO C 175 6.35 -16.77 10.14
CA PRO C 175 6.11 -16.46 11.55
C PRO C 175 7.34 -15.87 12.21
N ASP C 176 8.52 -16.31 11.78
CA ASP C 176 9.76 -15.77 12.35
C ASP C 176 9.68 -14.26 12.29
N GLY C 177 9.36 -13.75 11.10
CA GLY C 177 9.29 -12.32 10.89
C GLY C 177 10.40 -11.97 9.92
N SER C 178 10.71 -12.92 9.06
CA SER C 178 11.76 -12.77 8.06
C SER C 178 11.32 -13.48 6.81
N GLY C 179 12.16 -13.41 5.79
CA GLY C 179 11.83 -14.07 4.54
C GLY C 179 12.78 -13.71 3.43
N ILE C 180 12.55 -14.35 2.29
CA ILE C 180 13.34 -14.11 1.10
C ILE C 180 12.37 -14.29 -0.06
N VAL C 181 12.42 -13.36 -1.01
CA VAL C 181 11.55 -13.42 -2.17
C VAL C 181 12.22 -12.79 -3.37
N SER C 182 11.97 -13.34 -4.54
CA SER C 182 12.52 -12.81 -5.77
C SER C 182 11.35 -12.19 -6.53
N LEU C 183 11.55 -10.97 -7.01
CA LEU C 183 10.51 -10.29 -7.76
C LEU C 183 11.01 -9.97 -9.17
N LYS C 184 10.14 -10.14 -10.15
CA LYS C 184 10.49 -9.83 -11.53
C LYS C 184 10.45 -8.30 -11.66
N ILE C 185 11.45 -7.72 -12.32
CA ILE C 185 11.46 -6.27 -12.50
C ILE C 185 10.20 -5.87 -13.26
N ASP C 186 9.83 -6.68 -14.23
CA ASP C 186 8.64 -6.47 -15.05
C ASP C 186 7.43 -6.27 -14.18
N TRP C 187 7.15 -7.30 -13.38
CA TRP C 187 6.03 -7.34 -12.46
C TRP C 187 5.97 -6.09 -11.58
N ILE C 188 7.11 -5.70 -11.04
CA ILE C 188 7.20 -4.52 -10.18
C ILE C 188 6.79 -3.25 -10.96
N ILE C 189 7.31 -3.10 -12.16
CA ILE C 189 6.98 -1.95 -12.98
C ILE C 189 5.49 -1.93 -13.30
N GLU C 190 4.92 -3.09 -13.61
CA GLU C 190 3.50 -3.15 -13.94
C GLU C 190 2.53 -3.01 -12.78
N ARG C 191 2.80 -3.68 -11.65
CA ARG C 191 1.89 -3.61 -10.50
C ARG C 191 2.01 -2.33 -9.69
N TYR C 192 3.23 -1.92 -9.43
CA TYR C 192 3.45 -0.71 -8.66
C TYR C 192 3.29 0.51 -9.55
N GLN C 193 3.05 0.26 -10.84
CA GLN C 193 2.90 1.32 -11.83
C GLN C 193 3.93 2.41 -11.63
N LEU C 194 5.18 2.02 -11.84
CA LEU C 194 6.30 2.92 -11.67
C LEU C 194 6.41 3.86 -12.86
N PRO C 195 6.96 5.07 -12.65
CA PRO C 195 7.13 6.05 -13.72
C PRO C 195 7.83 5.41 -14.92
N GLN C 196 7.51 5.92 -16.11
CA GLN C 196 8.06 5.40 -17.35
C GLN C 196 9.58 5.38 -17.36
N SER C 197 10.19 6.46 -16.88
CA SER C 197 11.64 6.55 -16.86
C SER C 197 12.35 5.49 -16.03
N TYR C 198 11.61 4.68 -15.28
CA TYR C 198 12.24 3.65 -14.47
C TYR C 198 12.33 2.34 -15.23
N GLN C 199 12.07 2.43 -16.54
CA GLN C 199 12.17 1.28 -17.42
C GLN C 199 13.65 1.20 -17.77
N ARG C 200 14.37 2.28 -17.47
CA ARG C 200 15.79 2.36 -17.69
C ARG C 200 16.44 2.01 -16.34
N MET C 201 16.87 0.75 -16.21
CA MET C 201 17.47 0.23 -14.97
C MET C 201 18.34 1.17 -14.15
N PRO C 202 19.26 1.89 -14.80
CA PRO C 202 20.09 2.78 -13.98
C PRO C 202 19.27 3.80 -13.17
N ASP C 203 18.06 4.11 -13.65
CA ASP C 203 17.18 5.08 -12.98
C ASP C 203 16.29 4.37 -11.95
N PHE C 204 16.00 3.09 -12.20
CA PHE C 204 15.18 2.25 -11.32
C PHE C 204 15.98 1.99 -10.02
N ARG C 205 17.30 1.88 -10.14
CA ARG C 205 18.14 1.65 -8.99
C ARG C 205 18.14 2.88 -8.08
N ARG C 206 18.43 4.02 -8.68
CA ARG C 206 18.52 5.28 -7.97
C ARG C 206 17.26 5.86 -7.35
N ARG C 207 16.21 6.02 -8.17
CA ARG C 207 14.97 6.59 -7.67
C ARG C 207 14.00 5.63 -7.01
N PHE C 208 14.03 4.37 -7.40
CA PHE C 208 13.12 3.39 -6.80
C PHE C 208 13.75 2.43 -5.79
N LEU C 209 14.66 1.56 -6.23
CA LEU C 209 15.29 0.59 -5.33
C LEU C 209 16.00 1.20 -4.12
N GLN C 210 17.09 1.91 -4.34
CA GLN C 210 17.82 2.50 -3.23
C GLN C 210 16.90 3.27 -2.29
N VAL C 211 16.05 4.11 -2.88
CA VAL C 211 15.13 4.94 -2.11
C VAL C 211 14.21 4.14 -1.18
N CYS C 212 13.52 3.14 -1.73
CA CYS C 212 12.62 2.33 -0.93
C CYS C 212 13.32 1.46 0.09
N VAL C 213 14.48 0.94 -0.26
CA VAL C 213 15.22 0.09 0.66
C VAL C 213 15.60 0.90 1.90
N ASN C 214 16.16 2.09 1.70
CA ASN C 214 16.55 2.91 2.84
C ASN C 214 15.31 3.24 3.67
N GLU C 215 14.28 3.78 3.02
CA GLU C 215 13.07 4.16 3.73
C GLU C 215 12.59 3.07 4.66
N ILE C 216 12.64 1.83 4.20
CA ILE C 216 12.20 0.68 5.00
C ILE C 216 13.16 0.41 6.17
N ASN C 217 14.46 0.38 5.87
CA ASN C 217 15.50 0.12 6.86
C ASN C 217 15.65 1.30 7.81
N SER C 218 14.63 2.14 7.90
CA SER C 218 14.72 3.30 8.77
C SER C 218 13.39 3.69 9.39
N ARG C 219 12.30 3.35 8.73
CA ARG C 219 10.99 3.70 9.23
C ARG C 219 10.14 2.50 9.58
N THR C 220 10.71 1.31 9.50
CA THR C 220 9.98 0.10 9.81
C THR C 220 10.82 -0.87 10.63
N PRO C 221 10.18 -1.90 11.22
CA PRO C 221 10.88 -2.90 12.02
C PRO C 221 11.68 -3.85 11.14
N MET C 222 11.59 -3.67 9.82
CA MET C 222 12.28 -4.52 8.88
C MET C 222 13.68 -4.05 8.55
N ARG C 223 14.55 -5.02 8.29
CA ARG C 223 15.93 -4.78 7.92
C ARG C 223 16.12 -5.67 6.70
N LEU C 224 16.30 -5.05 5.54
CA LEU C 224 16.43 -5.83 4.32
C LEU C 224 17.58 -5.43 3.41
N SER C 225 17.94 -6.37 2.54
CA SER C 225 19.01 -6.18 1.57
C SER C 225 18.52 -6.83 0.28
N TYR C 226 19.26 -6.67 -0.80
CA TYR C 226 18.84 -7.26 -2.06
C TYR C 226 19.98 -7.59 -2.98
N ILE C 227 19.69 -8.53 -3.89
CA ILE C 227 20.64 -8.97 -4.89
C ILE C 227 19.93 -8.93 -6.23
N GLU C 228 20.64 -8.46 -7.24
CA GLU C 228 20.08 -8.40 -8.58
C GLU C 228 20.33 -9.68 -9.36
N LYS C 229 19.27 -10.30 -9.87
CA LYS C 229 19.42 -11.49 -10.68
C LYS C 229 19.60 -10.99 -12.11
N LYS C 230 20.48 -11.63 -12.87
CA LYS C 230 20.73 -11.20 -14.24
C LYS C 230 20.46 -12.25 -15.32
N LYS C 231 20.47 -11.79 -16.56
CA LYS C 231 20.24 -12.64 -17.72
C LYS C 231 21.29 -12.22 -18.73
N GLY C 232 22.55 -12.29 -18.31
CA GLY C 232 23.63 -11.90 -19.18
C GLY C 232 24.01 -10.44 -18.99
N ARG C 233 23.38 -9.58 -19.78
CA ARG C 233 23.65 -8.14 -19.74
C ARG C 233 22.50 -7.36 -19.09
N GLN C 234 21.47 -8.05 -18.61
CA GLN C 234 20.34 -7.37 -18.01
C GLN C 234 19.79 -7.97 -16.72
N THR C 235 19.43 -7.10 -15.79
CA THR C 235 18.86 -7.52 -14.51
C THR C 235 17.42 -7.93 -14.79
N THR C 236 17.03 -9.09 -14.30
CA THR C 236 15.69 -9.58 -14.54
C THR C 236 14.80 -9.53 -13.29
N HIS C 237 15.29 -10.11 -12.19
CA HIS C 237 14.55 -10.11 -10.94
C HIS C 237 15.36 -9.40 -9.87
N ILE C 238 14.75 -9.23 -8.71
CA ILE C 238 15.43 -8.63 -7.56
C ILE C 238 15.15 -9.58 -6.42
N VAL C 239 16.23 -10.05 -5.78
CA VAL C 239 16.09 -10.98 -4.67
C VAL C 239 16.15 -10.22 -3.36
N PHE C 240 15.00 -10.17 -2.68
CA PHE C 240 14.88 -9.47 -1.41
C PHE C 240 14.96 -10.43 -0.27
N SER C 241 15.78 -10.07 0.72
CA SER C 241 15.97 -10.90 1.92
C SER C 241 15.80 -9.99 3.13
N PHE C 242 14.89 -10.34 4.01
CA PHE C 242 14.63 -9.50 5.18
C PHE C 242 14.51 -10.25 6.50
N ARG C 243 14.87 -9.55 7.57
CA ARG C 243 14.80 -10.10 8.92
C ARG C 243 14.29 -8.99 9.84
N ASP C 244 13.42 -9.37 10.78
CA ASP C 244 12.86 -8.41 11.72
C ASP C 244 13.90 -7.84 12.68
N ILE C 245 13.86 -6.53 12.91
CA ILE C 245 14.81 -5.91 13.82
C ILE C 245 14.60 -6.49 15.20
N THR C 246 13.38 -6.88 15.50
CA THR C 246 13.06 -7.47 16.79
C THR C 246 12.78 -8.97 16.65
#